data_8XXB
#
_entry.id   8XXB
#
_cell.length_a   138.564
_cell.length_b   138.564
_cell.length_c   66.822
_cell.angle_alpha   90.000
_cell.angle_beta   90.000
_cell.angle_gamma   120.000
#
_symmetry.space_group_name_H-M   'P 62 2 2'
#
loop_
_entity.id
_entity.type
_entity.pdbx_description
1 polymer 'Short-chain dehydrogenase/reductase SDR'
2 non-polymer 'CHLORIDE ION'
3 water water
#
_entity_poly.entity_id   1
_entity_poly.type   'polypeptide(L)'
_entity_poly.pdbx_seq_one_letter_code
;MAHHHHHHAISLSGRRVLVTQADAFMGPALCDAFRAAGAEVVPDRSALLERGAGRAVIEAAGRIDVLVLNLAIPFPSTPV
HQVSGGEWETTFAALVHPMREMVAAVLPQMIERKAGKILLMGSAAALRGPALGSSYAAARGAQLAYIQAVGVEAAAHGVQ
VNAIAQNFVENPTYFPPEVQATPAFKDRLKWQVPLGRLVTADEDASFAVYLCSEAANCFVGQVFPVCGGWVNR
;
_entity_poly.pdbx_strand_id   A
#
loop_
_chem_comp.id
_chem_comp.type
_chem_comp.name
_chem_comp.formula
CL non-polymer 'CHLORIDE ION' 'Cl -1'
#
# COMPACT_ATOMS: atom_id res chain seq x y z
N SER A 11 -7.37 -5.28 -20.21
CA SER A 11 -5.94 -5.45 -20.41
C SER A 11 -5.18 -4.16 -20.13
N LEU A 12 -4.11 -4.26 -19.35
CA LEU A 12 -3.22 -3.13 -19.04
C LEU A 12 -2.04 -3.09 -20.00
N SER A 13 -2.34 -3.12 -21.30
CA SER A 13 -1.34 -3.37 -22.33
C SER A 13 -0.56 -2.10 -22.64
N GLY A 14 0.77 -2.19 -22.62
CA GLY A 14 1.60 -1.04 -22.90
C GLY A 14 1.39 0.11 -21.95
N ARG A 15 0.98 -0.17 -20.72
CA ARG A 15 0.87 0.81 -19.65
C ARG A 15 2.03 0.69 -18.68
N ARG A 16 2.51 1.84 -18.19
CA ARG A 16 3.63 1.84 -17.27
C ARG A 16 3.10 1.89 -15.84
N VAL A 17 3.57 0.92 -15.05
CA VAL A 17 3.12 0.72 -13.69
C VAL A 17 4.36 0.74 -12.84
N LEU A 18 4.49 1.75 -11.97
CA LEU A 18 5.61 1.83 -11.06
C LEU A 18 5.21 1.27 -9.71
N VAL A 19 6.03 0.37 -9.17
CA VAL A 19 5.78 -0.27 -7.89
C VAL A 19 6.98 0.01 -6.99
N THR A 20 6.74 0.72 -5.87
CA THR A 20 7.76 1.07 -4.90
C THR A 20 8.12 -0.12 -4.02
N GLN A 21 9.28 -0.01 -3.35
CA GLN A 21 9.92 -1.09 -2.60
C GLN A 21 9.58 -2.46 -3.17
N ALA A 22 9.95 -2.68 -4.44
CA ALA A 22 9.43 -3.80 -5.21
C ALA A 22 9.84 -5.16 -4.63
N ASP A 23 10.88 -5.22 -3.79
CA ASP A 23 11.34 -6.49 -3.23
C ASP A 23 10.74 -6.76 -1.86
N ALA A 24 9.87 -5.90 -1.37
CA ALA A 24 9.40 -5.97 -0.01
C ALA A 24 7.87 -5.93 0.01
N PHE A 25 7.31 -6.46 1.11
CA PHE A 25 5.86 -6.45 1.34
C PHE A 25 5.16 -7.13 0.16
N MET A 26 4.29 -6.41 -0.54
CA MET A 26 3.52 -6.94 -1.66
C MET A 26 4.19 -6.74 -3.01
N GLY A 27 5.38 -6.14 -3.05
CA GLY A 27 6.06 -5.82 -4.29
C GLY A 27 6.22 -6.96 -5.28
N PRO A 28 6.78 -8.09 -4.83
CA PRO A 28 6.92 -9.24 -5.75
C PRO A 28 5.60 -9.62 -6.40
N ALA A 29 4.57 -9.88 -5.59
CA ALA A 29 3.29 -10.33 -6.14
C ALA A 29 2.69 -9.28 -7.05
N LEU A 30 2.76 -8.01 -6.64
CA LEU A 30 2.25 -6.93 -7.47
C LEU A 30 2.93 -6.90 -8.83
N CYS A 31 4.27 -6.99 -8.84
CA CYS A 31 5.00 -6.96 -10.11
C CYS A 31 4.62 -8.13 -10.99
N ASP A 32 4.59 -9.35 -10.43
CA ASP A 32 4.15 -10.49 -11.21
C ASP A 32 2.76 -10.27 -11.79
N ALA A 33 1.83 -9.81 -10.96
CA ALA A 33 0.44 -9.68 -11.39
C ALA A 33 0.28 -8.62 -12.47
N PHE A 34 1.02 -7.52 -12.37
CA PHE A 34 0.91 -6.48 -13.39
C PHE A 34 1.66 -6.85 -14.66
N ARG A 35 2.70 -7.68 -14.56
CA ARG A 35 3.30 -8.23 -15.77
C ARG A 35 2.31 -9.13 -16.49
N ALA A 36 1.68 -10.04 -15.74
CA ALA A 36 0.76 -11.00 -16.36
C ALA A 36 -0.42 -10.32 -17.04
N ALA A 37 -0.86 -9.17 -16.50
CA ALA A 37 -1.90 -8.40 -17.16
C ALA A 37 -1.40 -7.64 -18.38
N GLY A 38 -0.10 -7.75 -18.72
CA GLY A 38 0.43 -7.13 -19.91
C GLY A 38 0.93 -5.71 -19.77
N ALA A 39 1.37 -5.32 -18.58
CA ALA A 39 1.84 -3.96 -18.38
C ALA A 39 3.36 -3.91 -18.37
N GLU A 40 3.88 -2.73 -18.69
CA GLU A 40 5.31 -2.43 -18.52
C GLU A 40 5.52 -2.04 -17.06
N VAL A 41 6.16 -2.93 -16.29
CA VAL A 41 6.32 -2.75 -14.85
C VAL A 41 7.71 -2.20 -14.57
N VAL A 42 7.75 -1.09 -13.83
CA VAL A 42 8.95 -0.45 -13.31
C VAL A 42 9.09 -0.78 -11.83
N PRO A 43 9.94 -1.74 -11.49
CA PRO A 43 10.10 -2.15 -10.08
C PRO A 43 11.16 -1.37 -9.33
N ASP A 44 10.76 -0.30 -8.64
CA ASP A 44 11.70 0.55 -7.94
C ASP A 44 12.12 -0.01 -6.59
N ARG A 45 13.43 -0.04 -6.35
CA ARG A 45 13.98 -0.54 -5.10
C ARG A 45 14.64 0.57 -4.28
N SER A 46 14.44 1.84 -4.66
CA SER A 46 15.15 2.94 -4.03
C SER A 46 14.80 3.03 -2.55
N ALA A 47 15.77 3.49 -1.77
CA ALA A 47 15.52 3.96 -0.42
C ALA A 47 14.79 5.30 -0.51
N LEU A 48 13.79 5.47 0.34
CA LEU A 48 12.87 6.59 0.22
C LEU A 48 12.96 7.55 1.39
N LEU A 49 13.90 7.34 2.32
CA LEU A 49 13.88 8.07 3.59
C LEU A 49 14.24 9.53 3.42
N GLU A 50 15.06 9.85 2.43
CA GLU A 50 15.58 11.19 2.35
C GLU A 50 14.59 12.09 1.63
N ARG A 51 14.38 13.26 2.21
CA ARG A 51 13.75 14.36 1.47
C ARG A 51 14.10 14.31 0.00
N GLY A 52 13.08 14.37 -0.85
CA GLY A 52 13.29 14.40 -2.27
C GLY A 52 13.47 13.05 -2.94
N ALA A 53 13.69 11.98 -2.16
CA ALA A 53 13.93 10.67 -2.78
C ALA A 53 12.72 10.19 -3.59
N GLY A 54 11.50 10.34 -3.04
CA GLY A 54 10.32 9.89 -3.75
C GLY A 54 10.04 10.70 -5.00
N ARG A 55 10.22 12.03 -4.90
CA ARG A 55 10.13 12.86 -6.09
C ARG A 55 11.13 12.40 -7.15
N ALA A 56 12.32 11.97 -6.72
CA ALA A 56 13.33 11.52 -7.66
C ALA A 56 12.89 10.25 -8.38
N VAL A 57 12.31 9.31 -7.64
CA VAL A 57 11.83 8.07 -8.27
C VAL A 57 10.81 8.40 -9.36
N ILE A 58 9.83 9.24 -9.02
CA ILE A 58 8.80 9.57 -10.02
C ILE A 58 9.42 10.28 -11.22
N GLU A 59 10.31 11.24 -10.98
CA GLU A 59 10.88 12.02 -12.08
C GLU A 59 11.74 11.16 -12.98
N ALA A 60 12.51 10.24 -12.40
CA ALA A 60 13.30 9.32 -13.20
C ALA A 60 12.45 8.44 -14.08
N ALA A 61 11.20 8.15 -13.66
CA ALA A 61 10.40 7.22 -14.47
C ALA A 61 9.76 7.82 -15.72
N GLY A 62 9.70 9.15 -15.84
CA GLY A 62 9.01 9.73 -16.99
C GLY A 62 7.50 9.52 -16.95
N ARG A 63 6.96 8.72 -17.87
CA ARG A 63 5.52 8.49 -17.94
C ARG A 63 5.12 7.40 -16.96
N ILE A 64 4.20 7.72 -16.04
CA ILE A 64 3.57 6.75 -15.15
C ILE A 64 2.09 6.68 -15.50
N ASP A 65 1.58 5.48 -15.79
CA ASP A 65 0.13 5.31 -15.90
C ASP A 65 -0.49 4.84 -14.59
N VAL A 66 0.24 4.08 -13.78
CA VAL A 66 -0.26 3.50 -12.54
C VAL A 66 0.84 3.61 -11.51
N LEU A 67 0.54 4.22 -10.36
CA LEU A 67 1.49 4.28 -9.26
C LEU A 67 0.93 3.43 -8.12
N VAL A 68 1.70 2.42 -7.73
CA VAL A 68 1.30 1.50 -6.66
C VAL A 68 2.24 1.77 -5.48
N LEU A 69 1.70 2.41 -4.45
CA LEU A 69 2.49 2.76 -3.28
C LEU A 69 2.56 1.55 -2.34
N ASN A 70 3.51 0.69 -2.62
CA ASN A 70 3.87 -0.41 -1.74
C ASN A 70 4.92 0.11 -0.76
N LEU A 71 4.56 0.30 0.52
CA LEU A 71 5.48 0.87 1.50
C LEU A 71 5.42 0.09 2.80
N ALA A 72 6.58 -0.15 3.42
CA ALA A 72 6.56 -0.95 4.64
C ALA A 72 7.81 -0.75 5.46
N ILE A 73 7.66 -0.98 6.78
CA ILE A 73 8.73 -1.08 7.73
C ILE A 73 8.43 -2.25 8.68
N PRO A 74 9.43 -2.73 9.41
CA PRO A 74 9.15 -3.75 10.43
C PRO A 74 8.14 -3.23 11.45
N PHE A 75 7.30 -4.14 11.93
CA PHE A 75 6.27 -3.76 12.91
C PHE A 75 6.91 -3.48 14.27
N PRO A 76 6.88 -2.25 14.76
CA PRO A 76 7.56 -1.95 16.04
C PRO A 76 6.81 -2.55 17.23
N SER A 77 7.60 -2.95 18.23
CA SER A 77 7.08 -3.63 19.39
C SER A 77 6.99 -2.74 20.63
N THR A 78 7.03 -1.41 20.46
CA THR A 78 7.34 -0.54 21.59
C THR A 78 6.06 -0.14 22.31
N PRO A 79 6.03 -0.18 23.65
CA PRO A 79 4.89 0.41 24.36
C PRO A 79 4.82 1.91 24.11
N VAL A 80 3.61 2.44 24.15
CA VAL A 80 3.32 3.78 23.64
C VAL A 80 4.08 4.84 24.43
N HIS A 81 4.30 4.61 25.72
CA HIS A 81 4.94 5.64 26.53
C HIS A 81 6.47 5.59 26.45
N GLN A 82 7.04 4.56 25.83
CA GLN A 82 8.48 4.46 25.70
C GLN A 82 8.94 4.71 24.27
N VAL A 83 8.06 5.21 23.41
CA VAL A 83 8.43 5.51 22.03
C VAL A 83 9.17 6.84 22.01
N SER A 84 10.28 6.90 21.28
CA SER A 84 11.01 8.14 21.17
C SER A 84 10.44 9.00 20.05
N GLY A 85 10.69 10.32 20.13
CA GLY A 85 10.34 11.21 19.04
C GLY A 85 11.00 10.82 17.74
N GLY A 86 12.16 10.18 17.83
CA GLY A 86 12.90 9.74 16.67
C GLY A 86 12.34 8.50 16.03
N GLU A 87 11.93 7.49 16.83
CA GLU A 87 11.23 6.34 16.26
C GLU A 87 9.99 6.80 15.52
N TRP A 88 9.24 7.71 16.13
CA TRP A 88 8.06 8.30 15.54
C TRP A 88 8.35 8.94 14.19
N GLU A 89 9.33 9.85 14.17
CA GLU A 89 9.59 10.58 12.94
C GLU A 89 10.20 9.65 11.88
N THR A 90 10.90 8.58 12.28
CA THR A 90 11.36 7.59 11.32
C THR A 90 10.20 6.84 10.70
N THR A 91 9.22 6.45 11.52
CA THR A 91 8.04 5.78 10.99
C THR A 91 7.37 6.65 9.92
N PHE A 92 7.18 7.93 10.24
CA PHE A 92 6.51 8.80 9.28
C PHE A 92 7.39 9.09 8.06
N ALA A 93 8.72 9.14 8.24
CA ALA A 93 9.60 9.37 7.11
C ALA A 93 9.62 8.17 6.17
N ALA A 94 9.36 6.97 6.69
CA ALA A 94 9.33 5.81 5.81
C ALA A 94 7.97 5.62 5.14
N LEU A 95 6.87 5.86 5.87
CA LEU A 95 5.55 5.47 5.34
C LEU A 95 4.73 6.61 4.77
N VAL A 96 4.93 7.84 5.23
CA VAL A 96 4.01 8.94 5.02
C VAL A 96 4.59 10.01 4.09
N HIS A 97 5.76 10.55 4.44
CA HIS A 97 6.33 11.65 3.65
C HIS A 97 6.65 11.20 2.22
N PRO A 98 7.18 9.99 1.98
CA PRO A 98 7.39 9.58 0.57
C PRO A 98 6.09 9.42 -0.20
N MET A 99 5.04 8.92 0.46
CA MET A 99 3.74 8.82 -0.20
C MET A 99 3.30 10.18 -0.72
N ARG A 100 3.46 11.22 0.11
CA ARG A 100 3.02 12.52 -0.34
C ARG A 100 3.90 13.05 -1.47
N GLU A 101 5.22 12.88 -1.34
CA GLU A 101 6.09 13.36 -2.44
C GLU A 101 5.73 12.71 -3.76
N MET A 102 5.53 11.38 -3.75
CA MET A 102 5.27 10.65 -4.98
C MET A 102 3.89 10.96 -5.55
N VAL A 103 2.86 11.09 -4.70
CA VAL A 103 1.55 11.43 -5.25
C VAL A 103 1.58 12.82 -5.88
N ALA A 104 2.21 13.78 -5.19
CA ALA A 104 2.22 15.15 -5.71
C ALA A 104 3.06 15.26 -6.96
N ALA A 105 4.10 14.42 -7.07
CA ALA A 105 4.93 14.42 -8.28
C ALA A 105 4.21 13.76 -9.46
N VAL A 106 3.36 12.76 -9.20
CA VAL A 106 2.83 12.04 -10.35
C VAL A 106 1.48 12.60 -10.82
N LEU A 107 0.67 13.16 -9.92
CA LEU A 107 -0.61 13.71 -10.36
C LEU A 107 -0.56 14.65 -11.55
N PRO A 108 0.35 15.62 -11.68
CA PRO A 108 0.24 16.57 -12.80
C PRO A 108 0.11 15.90 -14.17
N GLN A 109 0.85 14.84 -14.44
CA GLN A 109 0.74 14.21 -15.75
C GLN A 109 -0.56 13.44 -15.89
N MET A 110 -1.08 12.88 -14.78
CA MET A 110 -2.37 12.18 -14.85
C MET A 110 -3.52 13.16 -15.03
N ILE A 111 -3.45 14.30 -14.34
CA ILE A 111 -4.46 15.35 -14.54
C ILE A 111 -4.44 15.84 -15.96
N GLU A 112 -3.25 16.06 -16.53
CA GLU A 112 -3.16 16.50 -17.93
C GLU A 112 -3.78 15.46 -18.86
N ARG A 113 -3.45 14.18 -18.65
CA ARG A 113 -4.03 13.13 -19.47
C ARG A 113 -5.48 12.83 -19.11
N LYS A 114 -6.01 13.44 -18.05
CA LYS A 114 -7.37 13.17 -17.55
C LYS A 114 -7.58 11.67 -17.38
N ALA A 115 -6.59 11.01 -16.77
CA ALA A 115 -6.57 9.55 -16.68
C ALA A 115 -5.38 9.12 -15.84
N GLY A 116 -5.57 8.10 -15.02
CA GLY A 116 -4.47 7.56 -14.25
C GLY A 116 -4.96 6.88 -12.99
N LYS A 117 -4.06 6.10 -12.41
CA LYS A 117 -4.39 5.23 -11.27
C LYS A 117 -3.31 5.38 -10.22
N ILE A 118 -3.72 5.61 -8.98
CA ILE A 118 -2.84 5.52 -7.81
C ILE A 118 -3.49 4.56 -6.82
N LEU A 119 -2.73 3.57 -6.38
CA LEU A 119 -3.21 2.61 -5.41
C LEU A 119 -2.22 2.51 -4.25
N LEU A 120 -2.70 2.77 -3.04
CA LEU A 120 -1.94 2.61 -1.82
C LEU A 120 -2.11 1.20 -1.27
N MET A 121 -0.99 0.52 -0.94
CA MET A 121 -1.07 -0.75 -0.21
C MET A 121 -0.94 -0.46 1.28
N GLY A 122 -2.05 -0.06 1.90
CA GLY A 122 -2.06 0.33 3.29
C GLY A 122 -2.48 -0.81 4.20
N SER A 123 -2.75 -0.44 5.47
CA SER A 123 -2.86 -1.40 6.56
C SER A 123 -4.19 -1.25 7.28
N ALA A 124 -4.82 -2.39 7.59
CA ALA A 124 -6.01 -2.40 8.43
C ALA A 124 -5.71 -2.03 9.88
N ALA A 125 -4.42 -1.95 10.26
CA ALA A 125 -4.09 -1.46 11.59
C ALA A 125 -4.53 -0.01 11.78
N ALA A 126 -4.76 0.72 10.68
CA ALA A 126 -5.38 2.04 10.78
C ALA A 126 -6.86 1.95 11.11
N LEU A 127 -7.48 0.79 10.85
CA LEU A 127 -8.92 0.61 11.04
C LEU A 127 -9.26 -0.10 12.35
N ARG A 128 -8.35 -0.91 12.87
CA ARG A 128 -8.55 -1.63 14.12
C ARG A 128 -7.26 -1.54 14.92
N GLY A 129 -7.33 -0.81 16.03
CA GLY A 129 -6.17 -0.48 16.83
C GLY A 129 -5.44 -1.73 17.29
N PRO A 130 -4.13 -1.73 17.14
CA PRO A 130 -3.32 -2.83 17.69
C PRO A 130 -2.85 -2.53 19.11
N ALA A 131 -2.48 -3.60 19.82
CA ALA A 131 -2.03 -3.42 21.20
C ALA A 131 -0.55 -3.11 21.33
N LEU A 132 0.20 -2.93 20.21
CA LEU A 132 1.59 -2.50 20.33
C LEU A 132 2.13 -1.68 19.17
N GLY A 133 1.34 -1.33 18.17
CA GLY A 133 1.92 -0.69 17.02
C GLY A 133 1.48 0.76 16.92
N SER A 134 1.43 1.43 18.07
CA SER A 134 0.82 2.75 18.13
C SER A 134 1.40 3.73 17.10
N SER A 135 2.72 3.77 16.95
CA SER A 135 3.26 4.72 15.97
C SER A 135 3.10 4.18 14.54
N TYR A 136 3.20 2.86 14.36
CA TYR A 136 2.86 2.25 13.08
C TYR A 136 1.40 2.53 12.70
N ALA A 137 0.48 2.37 13.66
CA ALA A 137 -0.93 2.59 13.38
C ALA A 137 -1.19 4.05 12.99
N ALA A 138 -0.57 5.00 13.71
CA ALA A 138 -0.68 6.41 13.35
C ALA A 138 -0.25 6.68 11.90
N ALA A 139 0.93 6.17 11.51
CA ALA A 139 1.41 6.41 10.14
C ALA A 139 0.45 5.82 9.10
N ARG A 140 -0.03 4.61 9.35
CA ARG A 140 -0.93 3.97 8.40
C ARG A 140 -2.27 4.71 8.29
N GLY A 141 -2.74 5.29 9.41
CA GLY A 141 -3.92 6.14 9.37
C GLY A 141 -3.72 7.41 8.56
N ALA A 142 -2.54 8.04 8.69
CA ALA A 142 -2.25 9.18 7.83
C ALA A 142 -2.34 8.78 6.36
N GLN A 143 -1.76 7.63 6.01
CA GLN A 143 -1.88 7.15 4.64
C GLN A 143 -3.33 7.07 4.18
N LEU A 144 -4.17 6.38 4.97
CA LEU A 144 -5.55 6.14 4.51
C LEU A 144 -6.33 7.46 4.35
N ALA A 145 -6.23 8.36 5.34
CA ALA A 145 -6.97 9.62 5.25
C ALA A 145 -6.48 10.49 4.09
N TYR A 146 -5.17 10.49 3.84
CA TYR A 146 -4.63 11.21 2.70
C TYR A 146 -5.20 10.67 1.40
N ILE A 147 -5.15 9.35 1.23
CA ILE A 147 -5.64 8.75 -0.04
C ILE A 147 -7.12 9.08 -0.23
N GLN A 148 -7.90 9.03 0.85
CA GLN A 148 -9.30 9.43 0.77
C GLN A 148 -9.47 10.84 0.21
N ALA A 149 -8.73 11.78 0.80
CA ALA A 149 -8.87 13.18 0.40
C ALA A 149 -8.39 13.39 -1.03
N VAL A 150 -7.27 12.77 -1.40
CA VAL A 150 -6.74 12.93 -2.75
C VAL A 150 -7.67 12.29 -3.77
N GLY A 151 -8.33 11.19 -3.40
CA GLY A 151 -9.24 10.57 -4.35
C GLY A 151 -10.44 11.46 -4.64
N VAL A 152 -10.98 12.09 -3.59
CA VAL A 152 -12.07 13.04 -3.81
C VAL A 152 -11.59 14.20 -4.70
N GLU A 153 -10.41 14.79 -4.40
CA GLU A 153 -9.86 15.83 -5.29
C GLU A 153 -9.73 15.36 -6.74
N ALA A 154 -9.03 14.24 -6.95
CA ALA A 154 -8.67 13.85 -8.30
C ALA A 154 -9.84 13.31 -9.11
N ALA A 155 -10.94 12.89 -8.45
CA ALA A 155 -12.09 12.40 -9.21
C ALA A 155 -12.54 13.42 -10.24
N ALA A 156 -12.45 14.71 -9.90
CA ALA A 156 -12.87 15.77 -10.82
C ALA A 156 -12.10 15.73 -12.13
N HIS A 157 -10.92 15.09 -12.14
CA HIS A 157 -10.05 15.08 -13.29
C HIS A 157 -9.94 13.73 -13.97
N GLY A 158 -10.78 12.76 -13.58
CA GLY A 158 -10.73 11.46 -14.21
C GLY A 158 -9.60 10.58 -13.74
N VAL A 159 -9.04 10.85 -12.56
CA VAL A 159 -7.94 10.08 -12.00
C VAL A 159 -8.48 9.35 -10.79
N GLN A 160 -8.16 8.06 -10.68
CA GLN A 160 -8.67 7.24 -9.56
C GLN A 160 -7.55 6.95 -8.57
N VAL A 161 -7.76 7.38 -7.32
CA VAL A 161 -6.80 7.20 -6.24
C VAL A 161 -7.53 6.43 -5.13
N ASN A 162 -7.04 5.24 -4.80
CA ASN A 162 -7.71 4.36 -3.85
C ASN A 162 -6.68 3.66 -2.99
N ALA A 163 -7.17 2.98 -1.96
CA ALA A 163 -6.31 2.28 -1.02
C ALA A 163 -6.88 0.89 -0.75
N ILE A 164 -5.98 -0.08 -0.64
CA ILE A 164 -6.26 -1.35 0.03
C ILE A 164 -5.83 -1.20 1.48
N ALA A 165 -6.64 -1.70 2.41
CA ALA A 165 -6.29 -1.70 3.82
C ALA A 165 -6.19 -3.16 4.23
N GLN A 166 -4.97 -3.68 4.27
CA GLN A 166 -4.81 -5.12 4.39
C GLN A 166 -4.16 -5.53 5.70
N ASN A 167 -4.30 -6.82 5.99
CA ASN A 167 -3.72 -7.53 7.12
C ASN A 167 -4.00 -9.00 6.85
N PHE A 168 -3.18 -9.86 7.45
CA PHE A 168 -3.31 -11.32 7.28
C PHE A 168 -3.20 -11.72 5.81
N VAL A 169 -2.31 -11.05 5.08
CA VAL A 169 -1.96 -11.44 3.72
C VAL A 169 -0.58 -12.07 3.77
N GLU A 170 -0.43 -13.19 3.07
CA GLU A 170 0.86 -13.85 3.02
C GLU A 170 1.88 -12.96 2.33
N ASN A 171 2.95 -12.61 3.04
CA ASN A 171 4.01 -11.76 2.51
C ASN A 171 5.21 -11.84 3.48
N PRO A 172 6.42 -11.66 2.94
CA PRO A 172 7.61 -11.88 3.82
C PRO A 172 7.79 -10.84 4.92
N THR A 173 7.18 -9.66 4.81
CA THR A 173 7.44 -8.60 5.78
C THR A 173 6.66 -8.79 7.08
N TYR A 174 5.36 -9.07 6.99
CA TYR A 174 4.52 -9.18 8.18
C TYR A 174 4.05 -10.59 8.49
N PHE A 175 4.07 -11.50 7.52
CA PHE A 175 3.62 -12.88 7.75
C PHE A 175 4.58 -13.88 7.10
N PRO A 176 5.85 -13.86 7.53
CA PRO A 176 6.77 -14.91 7.11
C PRO A 176 6.49 -16.18 7.89
N PRO A 177 7.05 -17.33 7.48
CA PRO A 177 6.72 -18.58 8.17
C PRO A 177 6.98 -18.59 9.68
N GLU A 178 7.92 -17.78 10.18
CA GLU A 178 8.24 -17.89 11.60
C GLU A 178 7.07 -17.35 12.40
N VAL A 179 6.44 -16.29 11.90
CA VAL A 179 5.22 -15.76 12.50
C VAL A 179 4.12 -16.80 12.42
N GLN A 180 3.97 -17.44 11.25
CA GLN A 180 2.88 -18.40 11.05
C GLN A 180 2.99 -19.59 11.99
N ALA A 181 4.20 -19.95 12.43
CA ALA A 181 4.33 -21.10 13.31
C ALA A 181 3.95 -20.78 14.76
N THR A 182 4.11 -19.52 15.20
CA THR A 182 3.84 -19.15 16.60
C THR A 182 2.40 -19.54 16.97
N PRO A 183 2.12 -19.87 18.23
CA PRO A 183 0.74 -20.19 18.61
C PRO A 183 -0.14 -18.96 18.74
N ALA A 184 0.43 -17.79 19.06
CA ALA A 184 -0.36 -16.56 19.10
C ALA A 184 -1.03 -16.31 17.76
N PHE A 185 -0.30 -16.52 16.66
CA PHE A 185 -0.87 -16.39 15.33
C PHE A 185 -1.95 -17.44 15.06
N LYS A 186 -1.68 -18.69 15.45
CA LYS A 186 -2.65 -19.77 15.31
C LYS A 186 -3.97 -19.31 15.89
N ASP A 187 -3.91 -18.76 17.09
CA ASP A 187 -5.11 -18.34 17.80
C ASP A 187 -5.72 -17.08 17.20
N ARG A 188 -4.89 -16.17 16.69
N ARG A 188 -4.89 -16.16 16.71
CA ARG A 188 -5.42 -14.97 16.05
CA ARG A 188 -5.41 -14.96 16.03
C ARG A 188 -6.27 -15.35 14.83
C ARG A 188 -6.27 -15.37 14.84
N LEU A 189 -5.77 -16.28 14.01
CA LEU A 189 -6.61 -16.82 12.92
C LEU A 189 -7.90 -17.44 13.46
N LYS A 190 -7.78 -18.38 14.40
CA LYS A 190 -8.99 -19.04 14.89
C LYS A 190 -10.05 -18.01 15.25
N TRP A 191 -9.68 -17.02 16.07
CA TRP A 191 -10.66 -16.19 16.76
C TRP A 191 -10.97 -14.86 16.08
N GLN A 192 -10.18 -14.43 15.10
CA GLN A 192 -10.31 -13.10 14.49
C GLN A 192 -10.43 -13.07 12.98
N VAL A 193 -10.07 -14.14 12.27
CA VAL A 193 -10.08 -14.10 10.80
C VAL A 193 -11.13 -15.07 10.28
N PRO A 194 -12.33 -14.57 9.94
CA PRO A 194 -13.38 -15.49 9.44
C PRO A 194 -12.91 -16.33 8.27
N LEU A 195 -11.99 -15.82 7.46
CA LEU A 195 -11.51 -16.60 6.33
C LEU A 195 -10.83 -17.89 6.77
N GLY A 196 -10.25 -17.91 7.98
CA GLY A 196 -9.59 -19.10 8.50
C GLY A 196 -8.26 -19.43 7.86
N ARG A 197 -7.71 -18.50 7.08
CA ARG A 197 -6.42 -18.70 6.43
C ARG A 197 -5.92 -17.32 6.05
N LEU A 198 -4.65 -17.25 5.63
CA LEU A 198 -4.14 -15.98 5.16
C LEU A 198 -4.64 -15.71 3.75
N VAL A 199 -4.91 -14.45 3.45
CA VAL A 199 -5.08 -14.06 2.06
C VAL A 199 -3.79 -14.35 1.32
N THR A 200 -3.88 -15.00 0.17
CA THR A 200 -2.64 -15.24 -0.56
C THR A 200 -2.16 -13.94 -1.20
N ALA A 201 -0.85 -13.86 -1.42
CA ALA A 201 -0.30 -12.69 -2.09
C ALA A 201 -0.95 -12.50 -3.45
N ASP A 202 -1.33 -13.57 -4.14
CA ASP A 202 -1.83 -13.43 -5.50
C ASP A 202 -3.27 -12.95 -5.53
N GLU A 203 -4.06 -13.34 -4.53
CA GLU A 203 -5.41 -12.78 -4.38
C GLU A 203 -5.35 -11.27 -4.16
N ASP A 204 -4.46 -10.85 -3.25
CA ASP A 204 -4.27 -9.43 -2.96
C ASP A 204 -3.83 -8.69 -4.22
N ALA A 205 -2.87 -9.26 -4.94
CA ALA A 205 -2.35 -8.57 -6.12
C ALA A 205 -3.35 -8.54 -7.27
N SER A 206 -4.19 -9.60 -7.41
CA SER A 206 -5.23 -9.55 -8.43
C SER A 206 -6.24 -8.47 -8.12
N PHE A 207 -6.57 -8.30 -6.84
CA PHE A 207 -7.50 -7.25 -6.49
C PHE A 207 -6.89 -5.87 -6.78
N ALA A 208 -5.58 -5.72 -6.52
CA ALA A 208 -4.87 -4.49 -6.89
C ALA A 208 -4.97 -4.21 -8.39
N VAL A 209 -4.72 -5.25 -9.21
CA VAL A 209 -4.84 -5.10 -10.65
C VAL A 209 -6.25 -4.65 -11.03
N TYR A 210 -7.27 -5.30 -10.47
CA TYR A 210 -8.64 -4.88 -10.79
C TYR A 210 -8.85 -3.42 -10.43
N LEU A 211 -8.37 -3.01 -9.26
CA LEU A 211 -8.54 -1.63 -8.84
C LEU A 211 -7.78 -0.64 -9.74
N CYS A 212 -6.82 -1.12 -10.57
CA CYS A 212 -6.10 -0.24 -11.50
C CYS A 212 -6.48 -0.46 -12.97
N SER A 213 -7.68 -0.97 -13.23
CA SER A 213 -8.21 -1.26 -14.55
C SER A 213 -9.27 -0.23 -14.88
N GLU A 214 -9.69 -0.19 -16.16
CA GLU A 214 -10.76 0.79 -16.40
C GLU A 214 -12.10 0.41 -15.73
N ALA A 215 -12.36 -0.90 -15.63
CA ALA A 215 -13.59 -1.36 -14.99
C ALA A 215 -13.77 -0.68 -13.64
N ALA A 216 -12.67 -0.31 -12.97
CA ALA A 216 -12.70 0.29 -11.65
C ALA A 216 -12.69 1.81 -11.69
N ASN A 217 -13.04 2.43 -12.84
CA ASN A 217 -13.10 3.90 -12.89
C ASN A 217 -14.16 4.48 -11.97
N CYS A 218 -15.05 3.67 -11.41
CA CYS A 218 -16.09 4.18 -10.53
C CYS A 218 -15.61 4.35 -9.10
N PHE A 219 -14.40 3.87 -8.77
CA PHE A 219 -13.88 3.93 -7.41
C PHE A 219 -12.92 5.10 -7.25
N VAL A 220 -13.31 6.10 -6.46
CA VAL A 220 -12.47 7.27 -6.21
C VAL A 220 -12.38 7.49 -4.70
N GLY A 221 -11.17 7.49 -4.18
CA GLY A 221 -10.98 7.78 -2.77
C GLY A 221 -11.52 6.73 -1.84
N GLN A 222 -11.66 5.49 -2.30
CA GLN A 222 -12.26 4.43 -1.51
C GLN A 222 -11.18 3.56 -0.89
N VAL A 223 -11.42 3.14 0.35
CA VAL A 223 -10.58 2.22 1.09
C VAL A 223 -11.25 0.84 1.05
N PHE A 224 -10.53 -0.16 0.55
CA PHE A 224 -11.04 -1.52 0.44
C PHE A 224 -10.35 -2.41 1.46
N PRO A 225 -11.03 -2.94 2.47
CA PRO A 225 -10.35 -3.82 3.42
C PRO A 225 -10.10 -5.19 2.80
N VAL A 226 -8.87 -5.67 2.92
CA VAL A 226 -8.46 -6.99 2.42
C VAL A 226 -7.76 -7.74 3.53
N CYS A 227 -8.55 -8.42 4.37
CA CYS A 227 -7.98 -9.02 5.57
C CYS A 227 -8.78 -10.22 6.06
N GLY A 228 -9.40 -10.97 5.16
CA GLY A 228 -10.16 -12.15 5.50
C GLY A 228 -11.26 -11.95 6.52
N GLY A 229 -11.88 -10.77 6.57
CA GLY A 229 -12.94 -10.51 7.52
C GLY A 229 -12.47 -10.08 8.89
N TRP A 230 -11.15 -9.92 9.08
CA TRP A 230 -10.62 -9.40 10.34
C TRP A 230 -11.25 -8.06 10.69
N VAL A 231 -11.38 -7.17 9.70
CA VAL A 231 -12.13 -5.94 9.85
C VAL A 231 -13.05 -5.83 8.66
N ASN A 232 -14.17 -5.19 8.86
CA ASN A 232 -15.03 -5.14 7.71
C ASN A 232 -15.15 -3.73 7.14
CL CL B . -0.47 -7.85 5.61
#